data_1F2R
#
_entry.id   1F2R
#
_cell.length_a   1.000
_cell.length_b   1.000
_cell.length_c   1.000
_cell.angle_alpha   90.00
_cell.angle_beta   90.00
_cell.angle_gamma   90.00
#
_symmetry.space_group_name_H-M   'P 1'
#
loop_
_entity.id
_entity.type
_entity.pdbx_description
1 polymer 'CASPASE-ACTIVATED DNASE'
2 polymer 'INHIBITOR OF CASPASE-ACTIVATED DNASE'
#
loop_
_entity_poly.entity_id
_entity_poly.type
_entity_poly.pdbx_seq_one_letter_code
_entity_poly.pdbx_strand_id
1 'polypeptide(L)'
;MCAVLRQPKCVKLRALHSACKFGVAARSCQELLRKGCVRFQLPMPGSRLCLYEDGTEVTDDCFPGLPNDAELLLLTAGET
WHGYVSD
;
C
2 'polypeptide(L)'
;MELSRGASAPDPDDVRPLKPCLLRRNHSRDQHGVAASSLEELRSKACELLAIDKSLTPITLVLAEDGTIVDDDDYFLCLP
SNTKFVALACNEKWTYNDSD
;
I
#
# COMPACT_ATOMS: atom_id res chain seq x y z
N MET A 1 21.64 0.23 15.59
CA MET A 1 21.58 -1.12 14.96
C MET A 1 20.66 -1.08 13.72
N CYS A 2 21.20 -1.36 12.57
CA CYS A 2 20.36 -1.33 11.33
C CYS A 2 20.26 -2.75 10.74
N ALA A 3 19.63 -3.66 11.44
CA ALA A 3 19.50 -5.04 10.91
C ALA A 3 19.09 -5.02 9.44
N VAL A 4 19.91 -5.54 8.58
CA VAL A 4 19.57 -5.54 7.11
C VAL A 4 18.61 -6.69 6.81
N LEU A 5 17.42 -6.37 6.35
CA LEU A 5 16.44 -7.45 6.03
C LEU A 5 16.72 -8.03 4.63
N ARG A 6 16.14 -9.14 4.32
CA ARG A 6 16.38 -9.75 2.97
C ARG A 6 15.39 -9.19 1.95
N GLN A 7 14.25 -8.74 2.41
CA GLN A 7 13.24 -8.18 1.46
C GLN A 7 12.30 -7.21 2.20
N PRO A 8 11.78 -6.26 1.48
CA PRO A 8 10.86 -5.26 2.08
C PRO A 8 9.62 -5.95 2.63
N LYS A 9 9.33 -5.77 3.90
CA LYS A 9 8.13 -6.41 4.49
C LYS A 9 6.86 -5.87 3.82
N CYS A 10 5.71 -6.40 4.18
CA CYS A 10 4.45 -5.90 3.58
C CYS A 10 3.32 -5.97 4.60
N VAL A 11 2.45 -4.99 4.60
CA VAL A 11 1.31 -5.00 5.57
C VAL A 11 0.16 -4.16 5.03
N LYS A 12 -1.03 -4.37 5.57
CA LYS A 12 -2.20 -3.58 5.09
C LYS A 12 -2.80 -2.79 6.26
N LEU A 13 -2.72 -1.49 6.21
CA LEU A 13 -3.28 -0.67 7.31
C LEU A 13 -4.79 -0.49 7.12
N ARG A 14 -5.58 -1.24 7.81
CA ARG A 14 -7.07 -1.10 7.66
C ARG A 14 -7.67 -0.40 8.90
N ALA A 15 -8.55 0.52 8.68
CA ALA A 15 -9.16 1.24 9.84
C ALA A 15 -10.45 0.53 10.29
N LEU A 16 -11.04 0.97 11.36
CA LEU A 16 -12.28 0.32 11.85
C LEU A 16 -13.51 0.94 11.18
N HIS A 17 -13.59 2.24 11.18
CA HIS A 17 -14.77 2.91 10.53
C HIS A 17 -14.33 3.66 9.27
N SER A 18 -13.30 3.17 8.62
CA SER A 18 -12.82 3.85 7.38
C SER A 18 -13.31 3.10 6.14
N ALA A 19 -13.66 1.86 6.30
CA ALA A 19 -14.14 1.07 5.13
C ALA A 19 -13.03 0.89 4.10
N CYS A 20 -11.80 1.17 4.49
CA CYS A 20 -10.67 1.03 3.54
C CYS A 20 -9.38 0.75 4.30
N LYS A 21 -8.29 0.56 3.60
CA LYS A 21 -6.99 0.29 4.30
C LYS A 21 -5.84 0.91 3.50
N PHE A 22 -4.64 0.80 4.00
CA PHE A 22 -3.47 1.38 3.27
C PHE A 22 -2.40 0.31 3.05
N GLY A 23 -2.38 -0.28 1.89
CA GLY A 23 -1.36 -1.33 1.60
C GLY A 23 0.01 -0.67 1.41
N VAL A 24 0.94 -0.96 2.28
CA VAL A 24 2.29 -0.35 2.13
C VAL A 24 3.37 -1.32 2.65
N ALA A 25 4.55 -1.25 2.10
CA ALA A 25 5.63 -2.16 2.56
C ALA A 25 6.91 -1.36 2.88
N ALA A 26 7.90 -2.00 3.42
CA ALA A 26 9.16 -1.27 3.75
C ALA A 26 10.19 -2.24 4.34
N ARG A 27 11.45 -1.88 4.27
CA ARG A 27 12.50 -2.78 4.84
C ARG A 27 12.73 -2.45 6.31
N SER A 28 11.73 -1.92 6.98
CA SER A 28 11.89 -1.59 8.42
C SER A 28 10.53 -1.58 9.12
N CYS A 29 10.26 -2.56 9.94
CA CYS A 29 8.96 -2.61 10.65
C CYS A 29 8.63 -1.23 11.25
N GLN A 30 9.61 -0.57 11.79
CA GLN A 30 9.36 0.78 12.39
C GLN A 30 8.92 1.77 11.30
N GLU A 31 9.63 1.83 10.21
CA GLU A 31 9.26 2.76 9.11
C GLU A 31 7.76 2.63 8.80
N LEU A 32 7.27 1.43 8.69
CA LEU A 32 5.82 1.24 8.39
C LEU A 32 4.96 1.84 9.52
N LEU A 33 5.32 1.58 10.73
CA LEU A 33 4.53 2.13 11.88
C LEU A 33 4.36 3.64 11.72
N ARG A 34 5.39 4.32 11.30
CA ARG A 34 5.28 5.80 11.14
C ARG A 34 4.31 6.14 10.01
N LYS A 35 4.63 5.76 8.81
CA LYS A 35 3.72 6.06 7.66
C LYS A 35 2.27 5.79 8.05
N GLY A 36 2.01 4.71 8.71
CA GLY A 36 0.62 4.39 9.13
C GLY A 36 0.11 5.47 10.08
N CYS A 37 0.90 5.83 11.07
CA CYS A 37 0.46 6.88 12.04
C CYS A 37 0.35 8.24 11.34
N VAL A 38 1.01 8.38 10.21
CA VAL A 38 0.94 9.68 9.48
C VAL A 38 -0.32 9.75 8.62
N ARG A 39 -0.74 8.63 8.09
CA ARG A 39 -1.96 8.63 7.24
C ARG A 39 -3.21 8.39 8.09
N PHE A 40 -3.04 7.78 9.23
CA PHE A 40 -4.21 7.51 10.11
C PHE A 40 -4.13 8.36 11.39
N GLN A 41 -3.08 9.12 11.54
CA GLN A 41 -2.93 9.97 12.75
C GLN A 41 -3.02 9.09 14.01
N LEU A 42 -2.10 8.20 14.19
CA LEU A 42 -2.12 7.31 15.38
C LEU A 42 -0.70 7.07 15.90
N PRO A 43 -0.33 7.80 16.93
CA PRO A 43 1.02 7.66 17.51
C PRO A 43 1.24 6.23 18.01
N MET A 44 2.48 5.83 18.16
CA MET A 44 2.76 4.44 18.64
C MET A 44 2.45 4.31 20.14
N PRO A 45 2.99 5.23 20.93
CA PRO A 45 2.76 5.18 22.39
C PRO A 45 1.27 5.38 22.71
N GLY A 46 0.73 6.52 22.35
CA GLY A 46 -0.70 6.78 22.64
C GLY A 46 -1.58 6.21 21.51
N SER A 47 -1.24 5.07 21.00
CA SER A 47 -2.05 4.47 19.90
C SER A 47 -1.32 3.27 19.31
N ARG A 48 -2.01 2.16 19.15
CA ARG A 48 -1.35 0.95 18.59
C ARG A 48 -2.26 0.30 17.54
N LEU A 49 -2.00 -0.92 17.18
CA LEU A 49 -2.85 -1.60 16.17
C LEU A 49 -3.23 -3.00 16.64
N CYS A 50 -4.07 -3.68 15.90
CA CYS A 50 -4.47 -5.06 16.31
C CYS A 50 -4.75 -5.92 15.08
N LEU A 51 -4.12 -7.06 14.98
CA LEU A 51 -4.34 -7.94 13.81
C LEU A 51 -5.84 -8.08 13.52
N TYR A 52 -6.24 -7.91 12.30
CA TYR A 52 -7.68 -8.03 11.96
C TYR A 52 -8.07 -9.51 11.83
N GLU A 53 -7.16 -10.39 12.13
CA GLU A 53 -7.47 -11.85 12.03
C GLU A 53 -8.05 -12.36 13.35
N ASP A 54 -7.43 -12.02 14.45
CA ASP A 54 -7.94 -12.49 15.77
C ASP A 54 -7.86 -11.37 16.80
N GLY A 55 -7.68 -10.15 16.36
CA GLY A 55 -7.59 -9.02 17.31
C GLY A 55 -6.33 -9.15 18.16
N THR A 56 -5.20 -9.31 17.52
CA THR A 56 -3.92 -9.45 18.29
C THR A 56 -3.22 -8.09 18.39
N GLU A 57 -3.07 -7.58 19.59
CA GLU A 57 -2.39 -6.26 19.76
C GLU A 57 -1.02 -6.27 19.07
N VAL A 58 -0.75 -5.30 18.26
CA VAL A 58 0.56 -5.26 17.56
C VAL A 58 1.20 -3.87 17.72
N THR A 59 2.50 -3.82 17.81
CA THR A 59 3.19 -2.50 17.97
C THR A 59 4.55 -2.51 17.28
N ASP A 60 5.50 -1.78 17.79
CA ASP A 60 6.85 -1.76 17.16
C ASP A 60 7.72 -2.87 17.75
N ASP A 61 7.15 -3.74 18.53
CA ASP A 61 7.95 -4.84 19.14
C ASP A 61 7.36 -6.20 18.76
N CYS A 62 6.14 -6.21 18.27
CA CYS A 62 5.51 -7.50 17.88
C CYS A 62 4.97 -7.41 16.44
N PHE A 63 5.34 -6.40 15.73
CA PHE A 63 4.86 -6.26 14.32
C PHE A 63 5.63 -7.18 13.38
N PRO A 64 6.94 -7.18 13.48
CA PRO A 64 7.77 -8.04 12.59
C PRO A 64 7.46 -9.52 12.85
N GLY A 65 6.89 -9.83 13.98
CA GLY A 65 6.57 -11.26 14.29
C GLY A 65 5.52 -11.76 13.31
N LEU A 66 4.83 -10.87 12.64
CA LEU A 66 3.79 -11.31 11.67
C LEU A 66 4.41 -11.49 10.28
N PRO A 67 3.80 -12.33 9.48
CA PRO A 67 4.30 -12.60 8.12
C PRO A 67 4.27 -11.31 7.28
N ASN A 68 4.29 -11.45 5.98
CA ASN A 68 4.26 -10.24 5.11
C ASN A 68 2.97 -9.45 5.36
N ASP A 69 2.33 -8.98 4.30
CA ASP A 69 1.07 -8.19 4.44
C ASP A 69 0.28 -8.57 5.69
N ALA A 70 0.64 -8.02 6.82
CA ALA A 70 -0.09 -8.35 8.08
C ALA A 70 -1.31 -7.44 8.25
N GLU A 71 -2.48 -8.00 8.37
CA GLU A 71 -3.70 -7.16 8.53
C GLU A 71 -3.57 -6.28 9.78
N LEU A 72 -2.97 -5.14 9.64
CA LEU A 72 -2.81 -4.23 10.82
C LEU A 72 -4.02 -3.29 10.93
N LEU A 73 -4.90 -3.56 11.84
CA LEU A 73 -6.09 -2.68 12.00
C LEU A 73 -5.75 -1.48 12.90
N LEU A 74 -6.50 -0.41 12.78
CA LEU A 74 -6.21 0.79 13.62
C LEU A 74 -6.82 0.62 15.01
N LEU A 75 -6.08 0.92 16.04
CA LEU A 75 -6.61 0.77 17.42
C LEU A 75 -5.90 1.74 18.37
N THR A 76 -6.60 2.74 18.85
CA THR A 76 -5.95 3.72 19.78
C THR A 76 -6.04 3.20 21.22
N ALA A 77 -5.32 3.82 22.12
CA ALA A 77 -5.36 3.37 23.54
C ALA A 77 -6.73 3.65 24.15
N GLY A 78 -7.73 2.87 23.78
CA GLY A 78 -9.09 3.09 24.33
C GLY A 78 -10.06 2.09 23.71
N GLU A 79 -9.92 1.83 22.44
CA GLU A 79 -10.83 0.86 21.77
C GLU A 79 -10.09 -0.44 21.43
N THR A 80 -10.77 -1.54 21.39
CA THR A 80 -10.09 -2.83 21.06
C THR A 80 -10.85 -3.56 19.95
N TRP A 81 -10.15 -4.28 19.13
CA TRP A 81 -10.82 -5.02 18.01
C TRP A 81 -11.23 -6.41 18.48
N HIS A 82 -12.51 -6.67 18.58
CA HIS A 82 -12.97 -8.01 19.03
C HIS A 82 -12.18 -9.11 18.32
N GLY A 83 -12.07 -9.03 17.02
CA GLY A 83 -11.31 -10.07 16.27
C GLY A 83 -12.23 -10.76 15.27
N TYR A 84 -11.69 -11.23 14.17
CA TYR A 84 -12.54 -11.91 13.16
C TYR A 84 -13.40 -12.98 13.83
N VAL A 85 -14.58 -12.62 14.26
CA VAL A 85 -15.47 -13.62 14.92
C VAL A 85 -16.30 -14.37 13.87
N SER A 86 -16.69 -15.58 14.15
CA SER A 86 -17.50 -16.34 13.17
C SER A 86 -18.91 -16.59 13.72
N ASP A 87 -19.43 -15.66 14.48
CA ASP A 87 -20.79 -15.84 15.05
C ASP A 87 -21.83 -15.18 14.15
N MET B 1 27.07 -1.12 -20.36
CA MET B 1 26.09 -1.99 -19.66
C MET B 1 26.56 -3.45 -19.70
N GLU B 2 27.46 -3.77 -20.59
CA GLU B 2 27.96 -5.17 -20.68
C GLU B 2 28.50 -5.64 -19.32
N LEU B 3 28.82 -4.72 -18.46
CA LEU B 3 29.35 -5.10 -17.11
C LEU B 3 28.46 -6.17 -16.48
N SER B 4 29.02 -7.30 -16.17
CA SER B 4 28.20 -8.39 -15.54
C SER B 4 27.42 -7.84 -14.34
N ARG B 5 26.15 -7.60 -14.51
CA ARG B 5 25.32 -7.07 -13.39
C ARG B 5 24.11 -7.97 -13.15
N GLY B 6 24.26 -8.99 -12.37
CA GLY B 6 23.10 -9.90 -12.10
C GLY B 6 22.93 -10.07 -10.59
N ALA B 7 23.70 -9.37 -9.80
CA ALA B 7 23.57 -9.48 -8.32
C ALA B 7 24.70 -8.72 -7.64
N SER B 8 25.85 -8.65 -8.26
CA SER B 8 26.99 -7.91 -7.65
C SER B 8 26.90 -6.42 -7.95
N ALA B 9 27.62 -5.61 -7.23
CA ALA B 9 27.56 -4.13 -7.48
C ALA B 9 26.13 -3.62 -7.28
N PRO B 10 26.01 -2.38 -6.89
CA PRO B 10 24.68 -1.77 -6.66
C PRO B 10 23.85 -1.77 -7.95
N ASP B 11 22.88 -0.90 -8.04
CA ASP B 11 22.04 -0.84 -9.27
C ASP B 11 21.68 -2.26 -9.73
N PRO B 12 21.01 -2.99 -8.87
CA PRO B 12 20.60 -4.38 -9.20
C PRO B 12 19.68 -4.40 -10.42
N ASP B 13 19.49 -5.54 -11.01
CA ASP B 13 18.60 -5.61 -12.21
C ASP B 13 17.14 -5.77 -11.77
N ASP B 14 16.92 -6.17 -10.55
CA ASP B 14 15.52 -6.34 -10.06
C ASP B 14 15.05 -5.06 -9.36
N VAL B 15 15.67 -3.95 -9.66
CA VAL B 15 15.26 -2.67 -9.02
C VAL B 15 14.04 -2.08 -9.74
N ARG B 16 12.91 -2.69 -9.60
CA ARG B 16 11.68 -2.17 -10.27
C ARG B 16 11.86 -2.21 -11.79
N PRO B 17 12.00 -3.41 -12.32
CA PRO B 17 12.19 -3.58 -13.78
C PRO B 17 10.94 -3.10 -14.54
N LEU B 18 10.57 -1.86 -14.38
CA LEU B 18 9.37 -1.34 -15.10
C LEU B 18 8.13 -2.17 -14.75
N LYS B 19 7.14 -1.56 -14.18
CA LYS B 19 5.90 -2.31 -13.81
C LYS B 19 4.72 -1.82 -14.67
N PRO B 20 4.52 -2.46 -15.80
CA PRO B 20 3.41 -2.08 -16.70
C PRO B 20 2.06 -2.30 -16.01
N CYS B 21 1.62 -1.35 -15.23
CA CYS B 21 0.31 -1.52 -14.53
C CYS B 21 -0.84 -1.03 -15.41
N LEU B 22 -2.03 -1.45 -15.13
CA LEU B 22 -3.19 -1.01 -15.95
C LEU B 22 -4.01 0.04 -15.19
N LEU B 23 -3.84 1.29 -15.52
CA LEU B 23 -4.60 2.35 -14.81
C LEU B 23 -6.02 2.45 -15.37
N ARG B 24 -6.97 2.74 -14.52
CA ARG B 24 -8.38 2.86 -15.00
C ARG B 24 -9.08 4.02 -14.31
N ARG B 25 -9.86 4.78 -15.05
CA ARG B 25 -10.57 5.94 -14.44
C ARG B 25 -12.06 5.63 -14.30
N ASN B 26 -12.59 5.70 -13.11
CA ASN B 26 -14.04 5.41 -12.91
C ASN B 26 -14.87 6.13 -13.98
N HIS B 27 -16.10 5.75 -14.13
CA HIS B 27 -16.97 6.40 -15.16
C HIS B 27 -16.44 6.11 -16.56
N SER B 28 -15.49 5.23 -16.67
CA SER B 28 -14.93 4.89 -18.01
C SER B 28 -14.22 3.53 -17.96
N ARG B 29 -14.93 2.47 -18.28
CA ARG B 29 -14.30 1.12 -18.26
C ARG B 29 -13.19 1.04 -19.30
N ASP B 30 -12.09 1.71 -19.08
CA ASP B 30 -10.97 1.66 -20.04
C ASP B 30 -9.63 1.58 -19.31
N GLN B 31 -8.94 0.48 -19.43
CA GLN B 31 -7.64 0.33 -18.73
C GLN B 31 -6.49 0.81 -19.64
N HIS B 32 -5.42 1.27 -19.07
CA HIS B 32 -4.28 1.74 -19.90
C HIS B 32 -2.97 1.11 -19.42
N GLY B 33 -2.26 0.44 -20.29
CA GLY B 33 -0.98 -0.19 -19.88
C GLY B 33 0.09 0.88 -19.69
N VAL B 34 0.59 1.04 -18.49
CA VAL B 34 1.63 2.07 -18.24
C VAL B 34 2.88 1.44 -17.62
N ALA B 35 4.00 1.53 -18.27
CA ALA B 35 5.25 0.93 -17.71
C ALA B 35 5.89 1.89 -16.72
N ALA B 36 5.78 1.64 -15.45
CA ALA B 36 6.38 2.54 -14.44
C ALA B 36 7.05 1.73 -13.32
N SER B 37 8.25 2.09 -12.95
CA SER B 37 8.95 1.33 -11.87
C SER B 37 8.53 1.88 -10.49
N SER B 38 8.97 3.06 -10.15
CA SER B 38 8.60 3.65 -8.83
C SER B 38 7.23 4.32 -8.93
N LEU B 39 6.51 4.38 -7.83
CA LEU B 39 5.16 5.02 -7.86
C LEU B 39 5.22 6.33 -8.66
N GLU B 40 6.14 7.19 -8.32
CA GLU B 40 6.26 8.48 -9.06
C GLU B 40 6.10 8.25 -10.56
N GLU B 41 6.71 7.23 -11.09
CA GLU B 41 6.60 6.95 -12.55
C GLU B 41 5.16 6.55 -12.89
N LEU B 42 4.57 5.69 -12.11
CA LEU B 42 3.16 5.27 -12.40
C LEU B 42 2.21 6.46 -12.24
N ARG B 43 2.22 7.09 -11.10
CA ARG B 43 1.31 8.26 -10.89
C ARG B 43 1.34 9.18 -12.12
N SER B 44 2.49 9.74 -12.42
CA SER B 44 2.58 10.65 -13.60
C SER B 44 1.86 10.03 -14.80
N LYS B 45 2.28 8.85 -15.21
CA LYS B 45 1.62 8.20 -16.38
C LYS B 45 0.10 8.24 -16.21
N ALA B 46 -0.39 7.98 -15.03
CA ALA B 46 -1.87 8.01 -14.80
C ALA B 46 -2.40 9.44 -14.95
N CYS B 47 -1.57 10.42 -14.74
CA CYS B 47 -2.03 11.83 -14.86
C CYS B 47 -2.15 12.21 -16.34
N GLU B 48 -1.19 11.82 -17.15
CA GLU B 48 -1.26 12.15 -18.60
C GLU B 48 -2.22 11.21 -19.32
N LEU B 49 -2.41 10.03 -18.79
CA LEU B 49 -3.34 9.07 -19.44
C LEU B 49 -4.77 9.29 -18.96
N LEU B 50 -4.95 9.51 -17.69
CA LEU B 50 -6.32 9.74 -17.16
C LEU B 50 -6.59 11.24 -17.01
N ALA B 51 -5.62 12.06 -17.32
CA ALA B 51 -5.82 13.53 -17.20
C ALA B 51 -6.14 13.90 -15.75
N ILE B 52 -5.47 13.30 -14.81
CA ILE B 52 -5.74 13.62 -13.39
C ILE B 52 -5.19 15.02 -13.04
N ASP B 53 -5.96 16.04 -13.28
CA ASP B 53 -5.48 17.41 -12.97
C ASP B 53 -4.84 17.46 -11.57
N LYS B 54 -3.98 18.40 -11.33
CA LYS B 54 -3.33 18.50 -9.99
C LYS B 54 -4.33 18.98 -8.94
N SER B 55 -5.48 19.43 -9.37
CA SER B 55 -6.50 19.92 -8.40
C SER B 55 -7.29 18.75 -7.83
N LEU B 56 -7.12 17.58 -8.39
CA LEU B 56 -7.86 16.38 -7.89
C LEU B 56 -6.99 15.60 -6.90
N THR B 57 -5.79 16.03 -6.69
CA THR B 57 -4.89 15.32 -5.74
C THR B 57 -5.23 15.70 -4.29
N PRO B 58 -4.72 14.96 -3.35
CA PRO B 58 -3.86 13.78 -3.65
C PRO B 58 -4.69 12.64 -4.26
N ILE B 59 -4.25 12.12 -5.39
CA ILE B 59 -5.02 11.02 -6.04
C ILE B 59 -4.97 9.76 -5.18
N THR B 60 -5.90 8.87 -5.34
CA THR B 60 -5.91 7.62 -4.53
C THR B 60 -5.89 6.40 -5.45
N LEU B 61 -4.82 5.65 -5.43
CA LEU B 61 -4.75 4.44 -6.31
C LEU B 61 -5.21 3.20 -5.53
N VAL B 62 -6.46 2.83 -5.67
CA VAL B 62 -6.96 1.64 -4.94
C VAL B 62 -7.09 0.45 -5.91
N LEU B 63 -6.57 -0.69 -5.52
CA LEU B 63 -6.66 -1.87 -6.42
C LEU B 63 -8.12 -2.22 -6.70
N ALA B 64 -8.47 -2.39 -7.95
CA ALA B 64 -9.89 -2.73 -8.29
C ALA B 64 -10.24 -4.13 -7.77
N GLU B 65 -9.26 -5.01 -7.70
CA GLU B 65 -9.54 -6.39 -7.20
C GLU B 65 -9.90 -6.35 -5.72
N ASP B 66 -9.03 -5.80 -4.90
CA ASP B 66 -9.31 -5.74 -3.44
C ASP B 66 -9.81 -4.35 -3.07
N GLY B 67 -9.10 -3.32 -3.45
CA GLY B 67 -9.54 -1.94 -3.11
C GLY B 67 -8.58 -1.34 -2.08
N THR B 68 -7.49 -2.01 -1.81
CA THR B 68 -6.52 -1.48 -0.81
C THR B 68 -5.88 -0.19 -1.33
N ILE B 69 -5.97 0.87 -0.59
CA ILE B 69 -5.36 2.16 -1.03
C ILE B 69 -3.84 2.01 -1.16
N VAL B 70 -3.29 2.38 -2.27
CA VAL B 70 -1.82 2.26 -2.46
C VAL B 70 -1.16 3.65 -2.40
N ASP B 71 -1.14 4.24 -1.24
CA ASP B 71 -0.52 5.60 -1.12
C ASP B 71 0.99 5.46 -0.82
N ASP B 72 1.58 4.36 -1.21
CA ASP B 72 3.04 4.17 -0.94
C ASP B 72 3.74 3.72 -2.22
N ASP B 73 4.99 3.37 -2.13
CA ASP B 73 5.72 2.93 -3.36
C ASP B 73 6.67 1.76 -3.02
N ASP B 74 6.31 0.97 -2.06
CA ASP B 74 7.18 -0.19 -1.68
C ASP B 74 6.35 -1.47 -1.60
N TYR B 75 5.08 -1.38 -1.87
CA TYR B 75 4.22 -2.60 -1.80
C TYR B 75 3.39 -2.74 -3.07
N PHE B 76 3.40 -1.75 -3.92
CA PHE B 76 2.59 -1.85 -5.17
C PHE B 76 3.49 -2.28 -6.34
N LEU B 77 4.74 -2.56 -6.07
CA LEU B 77 5.64 -3.03 -7.17
C LEU B 77 5.80 -4.54 -7.10
N CYS B 78 5.11 -5.19 -6.21
CA CYS B 78 5.23 -6.68 -6.09
C CYS B 78 4.39 -7.37 -7.17
N LEU B 79 3.13 -7.04 -7.25
CA LEU B 79 2.26 -7.68 -8.28
C LEU B 79 3.02 -7.80 -9.61
N PRO B 80 2.62 -8.76 -10.41
CA PRO B 80 3.29 -8.99 -11.71
C PRO B 80 3.18 -7.74 -12.59
N SER B 81 3.83 -7.73 -13.72
CA SER B 81 3.77 -6.55 -14.62
C SER B 81 2.35 -6.39 -15.18
N ASN B 82 1.37 -6.23 -14.32
CA ASN B 82 -0.03 -6.07 -14.80
C ASN B 82 -0.99 -6.08 -13.62
N THR B 83 -1.69 -5.00 -13.41
CA THR B 83 -2.66 -4.94 -12.27
C THR B 83 -3.71 -3.86 -12.52
N LYS B 84 -4.89 -4.04 -12.02
CA LYS B 84 -5.97 -3.03 -12.23
C LYS B 84 -5.83 -1.90 -11.21
N PHE B 85 -5.18 -0.82 -11.57
CA PHE B 85 -5.01 0.31 -10.63
C PHE B 85 -6.12 1.34 -10.83
N VAL B 86 -7.08 1.38 -9.94
CA VAL B 86 -8.19 2.36 -10.08
C VAL B 86 -7.75 3.74 -9.58
N ALA B 87 -7.57 4.67 -10.48
CA ALA B 87 -7.14 6.03 -10.06
C ALA B 87 -8.34 6.83 -9.54
N LEU B 88 -8.22 7.41 -8.37
CA LEU B 88 -9.35 8.21 -7.81
C LEU B 88 -8.91 9.64 -7.55
N ALA B 89 -8.94 10.48 -8.54
CA ALA B 89 -8.53 11.91 -8.34
C ALA B 89 -9.51 12.61 -7.42
N CYS B 90 -9.62 12.18 -6.19
CA CYS B 90 -10.55 12.83 -5.24
C CYS B 90 -11.89 13.11 -5.93
N ASN B 91 -12.31 12.25 -6.81
CA ASN B 91 -13.61 12.46 -7.53
C ASN B 91 -14.14 11.15 -8.07
N GLU B 92 -13.38 10.47 -8.89
CA GLU B 92 -13.86 9.16 -9.45
C GLU B 92 -14.51 8.33 -8.35
N LYS B 93 -15.48 7.53 -8.71
CA LYS B 93 -16.16 6.68 -7.68
C LYS B 93 -15.16 5.71 -7.05
N TRP B 94 -15.29 5.46 -5.78
CA TRP B 94 -14.36 4.52 -5.10
C TRP B 94 -14.71 3.07 -5.46
N THR B 95 -13.76 2.16 -5.33
CA THR B 95 -14.05 0.74 -5.66
C THR B 95 -14.56 0.01 -4.42
N TYR B 96 -15.26 0.69 -3.56
CA TYR B 96 -15.79 0.04 -2.33
C TYR B 96 -17.30 0.28 -2.21
N ASN B 97 -17.71 1.51 -2.12
CA ASN B 97 -19.16 1.80 -2.00
C ASN B 97 -19.82 0.84 -1.02
N ASP B 98 -19.36 0.80 0.20
CA ASP B 98 -19.96 -0.12 1.20
C ASP B 98 -20.21 -1.49 0.58
N SER B 99 -19.32 -1.95 -0.25
CA SER B 99 -19.50 -3.28 -0.90
C SER B 99 -18.80 -4.37 -0.09
N ASP B 100 -19.05 -4.43 1.19
CA ASP B 100 -18.39 -5.47 2.03
C ASP B 100 -19.06 -6.83 1.82
#